data_7WC5
#
_entry.id   7WC5
#
_cell.length_a   50.070
_cell.length_b   54.330
_cell.length_c   178.330
_cell.angle_alpha   90.000
_cell.angle_beta   90.000
_cell.angle_gamma   90.000
#
_symmetry.space_group_name_H-M   'P 21 2 21'
#
loop_
_entity.id
_entity.type
_entity.pdbx_description
1 polymer '5-hydroxytryptamine receptor 2A'
2 non-polymer 'MAGNESIUM ION'
3 non-polymer CHOLESTEROL
4 non-polymer '(2R)-2,3-dihydroxypropyl (9Z)-octadec-9-enoate'
5 non-polymer 3-[2-(dimethylamino)ethyl]-1~{H}-indol-4-ol
#
_entity_poly.entity_id   1
_entity_poly.type   'polypeptide(L)'
_entity_poly.pdbx_seq_one_letter_code
;SLLHLQEKNWSALLTAVVIILTIAGNILVIMAVSLEKKLQNATNYFLMSLAIADMLLGFLVMPVSMLTILYGYRWPLPSK
LCAVWIYLDVLFSTAKIWHLCAISLDRYVAIQNPIHHSRFNSRTKAFLKIIAVWTISVGISMPIPVFGLQDDSKVFKEGS
CLLADDNFVLIGSFVSFFIPLTIMVITYFLTIKSLQKEAADLEDNWETLNDNLKVIEKADNAAQVKDALTKMRAAALDAG
SGSGDILVGQIDDALKLANEGKVKEAQAAAEQLKTTINAYIQKYGQSISNEQKACKVLGIVFFLFVVMWCPFFITNIMAV
ICKESCNEDVIGALLNVFVWIGYLNSAVNPLVYTLFNKTYRSAFSRYIQCQYKENK
;
_entity_poly.pdbx_strand_id   A
#
loop_
_chem_comp.id
_chem_comp.type
_chem_comp.name
_chem_comp.formula
91Q non-polymer 3-[2-(dimethylamino)ethyl]-1~{H}-indol-4-ol 'C12 H16 N2 O'
CLR non-polymer CHOLESTEROL 'C27 H46 O'
MG non-polymer 'MAGNESIUM ION' 'Mg 2'
OLC non-polymer '(2R)-2,3-dihydroxypropyl (9Z)-octadec-9-enoate' 'C21 H40 O4'
#
# COMPACT_ATOMS: atom_id res chain seq x y z
N SER A 1 9.80 40.52 23.01
CA SER A 1 9.56 40.60 21.53
C SER A 1 10.08 39.31 20.87
N LEU A 2 9.18 38.40 20.43
CA LEU A 2 9.53 37.13 19.72
C LEU A 2 9.14 37.26 18.23
N LEU A 3 9.07 36.14 17.51
CA LEU A 3 8.85 35.99 16.04
C LEU A 3 10.03 36.58 15.26
N HIS A 4 11.25 36.13 15.48
CA HIS A 4 12.44 36.71 14.81
C HIS A 4 13.04 35.74 13.80
N LEU A 5 13.14 36.18 12.53
CA LEU A 5 13.87 35.54 11.38
C LEU A 5 15.37 35.41 11.76
N GLN A 6 16.00 34.26 11.56
CA GLN A 6 17.33 33.97 12.15
C GLN A 6 18.35 33.58 11.06
N GLU A 7 19.40 32.89 11.47
CA GLU A 7 20.38 32.27 10.55
C GLU A 7 20.28 30.74 10.66
N LYS A 8 19.09 30.17 10.80
CA LYS A 8 18.88 28.69 10.91
C LYS A 8 18.75 28.09 9.50
N ASN A 9 19.68 28.45 8.61
CA ASN A 9 19.52 28.38 7.12
C ASN A 9 20.30 27.21 6.53
N TRP A 10 21.16 26.56 7.32
CA TRP A 10 21.78 25.24 7.00
C TRP A 10 20.60 24.29 6.74
N SER A 11 19.69 24.25 7.72
CA SER A 11 18.50 23.35 7.77
C SER A 11 17.45 23.79 6.75
N ALA A 12 17.30 25.10 6.54
CA ALA A 12 16.17 25.66 5.77
C ALA A 12 16.36 25.47 4.26
N LEU A 13 17.57 25.15 3.80
CA LEU A 13 17.77 24.90 2.36
C LEU A 13 17.35 23.46 2.03
N LEU A 14 17.80 22.51 2.85
CA LEU A 14 17.53 21.04 2.73
C LEU A 14 16.03 20.82 2.69
N THR A 15 15.28 21.64 3.39
CA THR A 15 13.81 21.50 3.48
C THR A 15 13.17 21.87 2.13
N ALA A 16 13.76 22.74 1.35
CA ALA A 16 13.17 23.07 0.03
C ALA A 16 13.36 21.89 -0.95
N VAL A 17 14.32 21.04 -0.69
CA VAL A 17 14.59 19.88 -1.59
C VAL A 17 13.45 18.88 -1.39
N VAL A 18 13.11 18.66 -0.12
CA VAL A 18 12.12 17.62 0.31
C VAL A 18 10.72 18.05 -0.12
N ILE A 19 10.47 19.37 -0.17
CA ILE A 19 9.19 19.94 -0.63
C ILE A 19 9.00 19.70 -2.14
N ILE A 20 10.04 19.93 -2.93
CA ILE A 20 9.94 19.85 -4.43
C ILE A 20 10.01 18.37 -4.84
N LEU A 21 10.68 17.53 -4.06
CA LEU A 21 10.69 16.12 -4.42
C LEU A 21 9.31 15.57 -4.13
N THR A 22 8.66 16.07 -3.10
CA THR A 22 7.29 15.60 -2.73
C THR A 22 6.27 16.06 -3.77
N ILE A 23 6.32 17.32 -4.14
CA ILE A 23 5.22 17.89 -4.96
C ILE A 23 5.34 17.29 -6.36
N ALA A 24 6.52 17.36 -6.96
CA ALA A 24 6.74 16.82 -8.33
C ALA A 24 6.62 15.30 -8.35
N GLY A 25 7.09 14.62 -7.30
CA GLY A 25 7.02 13.15 -7.26
C GLY A 25 5.57 12.77 -7.35
N ASN A 26 4.77 13.37 -6.50
CA ASN A 26 3.41 12.83 -6.27
C ASN A 26 2.51 13.37 -7.36
N ILE A 27 2.89 14.44 -8.02
CA ILE A 27 2.10 14.91 -9.20
C ILE A 27 2.25 13.85 -10.32
N LEU A 28 3.45 13.31 -10.48
CA LEU A 28 3.70 12.30 -11.54
C LEU A 28 2.88 11.04 -11.26
N VAL A 29 2.67 10.70 -10.01
CA VAL A 29 1.88 9.50 -9.62
C VAL A 29 0.41 9.77 -9.90
N ILE A 30 -0.06 10.98 -9.64
CA ILE A 30 -1.46 11.35 -9.92
C ILE A 30 -1.64 11.37 -11.44
N MET A 31 -0.69 11.98 -12.18
CA MET A 31 -0.70 12.04 -13.67
C MET A 31 -0.65 10.62 -14.27
N ALA A 32 0.12 9.70 -13.68
CA ALA A 32 0.32 8.36 -14.26
C ALA A 32 -1.00 7.63 -14.16
N VAL A 33 -1.66 7.64 -13.01
CA VAL A 33 -2.88 6.81 -12.81
C VAL A 33 -3.96 7.34 -13.74
N SER A 34 -4.14 8.66 -13.77
CA SER A 34 -5.21 9.29 -14.58
C SER A 34 -5.01 8.99 -16.07
N LEU A 35 -3.78 9.01 -16.56
CA LEU A 35 -3.54 8.87 -18.01
C LEU A 35 -3.18 7.44 -18.42
N GLU A 36 -2.83 6.52 -17.50
CA GLU A 36 -2.37 5.18 -17.96
C GLU A 36 -3.45 4.14 -17.75
N LYS A 37 -3.85 3.46 -18.82
CA LYS A 37 -4.89 2.40 -18.74
C LYS A 37 -4.35 1.22 -17.92
N LYS A 38 -3.04 0.96 -18.02
CA LYS A 38 -2.43 -0.18 -17.29
C LYS A 38 -2.56 0.04 -15.79
N LEU A 39 -2.65 1.27 -15.34
CA LEU A 39 -2.70 1.60 -13.89
C LEU A 39 -4.14 1.72 -13.41
N GLN A 40 -5.12 1.38 -14.23
CA GLN A 40 -6.50 1.60 -13.75
C GLN A 40 -6.94 0.42 -12.89
N ASN A 41 -6.32 0.22 -11.72
CA ASN A 41 -6.72 -0.89 -10.81
C ASN A 41 -6.90 -0.30 -9.43
N ALA A 42 -7.61 -0.99 -8.54
CA ALA A 42 -7.99 -0.45 -7.22
C ALA A 42 -6.76 -0.08 -6.41
N THR A 43 -5.73 -0.93 -6.39
CA THR A 43 -4.56 -0.62 -5.55
C THR A 43 -3.98 0.69 -6.06
N ASN A 44 -3.91 0.82 -7.38
CA ASN A 44 -3.35 2.06 -7.99
C ASN A 44 -4.28 3.23 -7.67
N TYR A 45 -5.56 2.99 -7.59
CA TYR A 45 -6.48 4.07 -7.19
C TYR A 45 -6.16 4.57 -5.77
N PHE A 46 -5.85 3.69 -4.84
CA PHE A 46 -5.45 4.14 -3.50
C PHE A 46 -4.13 4.91 -3.61
N LEU A 47 -3.19 4.37 -4.38
CA LEU A 47 -1.82 4.93 -4.47
C LEU A 47 -1.82 6.35 -5.05
N MET A 48 -2.91 6.75 -5.75
CA MET A 48 -3.12 8.14 -6.25
C MET A 48 -3.53 9.02 -5.06
N SER A 49 -4.43 8.49 -4.24
CA SER A 49 -5.13 9.24 -3.17
C SER A 49 -4.09 9.52 -2.09
N LEU A 50 -3.23 8.53 -1.91
CA LEU A 50 -2.05 8.64 -1.04
C LEU A 50 -1.16 9.77 -1.56
N ALA A 51 -0.95 9.83 -2.88
CA ALA A 51 -0.05 10.80 -3.54
C ALA A 51 -0.71 12.17 -3.53
N ILE A 52 -2.05 12.23 -3.52
CA ILE A 52 -2.80 13.49 -3.34
C ILE A 52 -2.58 13.96 -1.90
N ALA A 53 -2.69 13.04 -0.93
CA ALA A 53 -2.42 13.27 0.51
C ALA A 53 -0.96 13.74 0.69
N ASP A 54 -0.03 13.18 -0.06
CA ASP A 54 1.41 13.56 0.02
C ASP A 54 1.59 14.94 -0.60
N MET A 55 0.89 15.24 -1.68
CA MET A 55 1.05 16.54 -2.38
C MET A 55 0.42 17.67 -1.53
N LEU A 56 -0.70 17.37 -0.93
CA LEU A 56 -1.34 18.38 -0.06
C LEU A 56 -0.41 18.59 1.13
N LEU A 57 0.28 17.55 1.57
CA LEU A 57 1.26 17.75 2.66
C LEU A 57 2.29 18.73 2.13
N GLY A 58 2.77 18.50 0.92
CA GLY A 58 3.88 19.30 0.36
C GLY A 58 3.48 20.74 0.10
N PHE A 59 2.28 20.99 -0.42
CA PHE A 59 1.79 22.37 -0.70
C PHE A 59 1.46 23.09 0.59
N LEU A 60 0.80 22.44 1.54
CA LEU A 60 0.25 23.18 2.70
C LEU A 60 1.04 22.97 3.99
N VAL A 61 1.20 21.73 4.46
CA VAL A 61 1.85 21.46 5.76
C VAL A 61 3.35 21.73 5.71
N MET A 62 4.06 21.19 4.73
CA MET A 62 5.54 21.20 4.79
C MET A 62 6.10 22.61 4.64
N PRO A 63 5.58 23.56 3.80
CA PRO A 63 6.10 24.93 3.79
C PRO A 63 6.00 25.64 5.14
N VAL A 64 4.92 25.46 5.85
CA VAL A 64 4.74 26.17 7.14
C VAL A 64 5.70 25.54 8.14
N SER A 65 6.00 24.25 8.00
CA SER A 65 6.98 23.59 8.88
C SER A 65 8.30 24.33 8.75
N MET A 66 8.68 24.61 7.50
CA MET A 66 9.95 25.25 7.12
C MET A 66 9.92 26.69 7.62
N LEU A 67 8.76 27.32 7.55
CA LEU A 67 8.59 28.73 7.96
C LEU A 67 8.94 28.87 9.44
N THR A 68 8.50 27.95 10.30
CA THR A 68 8.80 28.03 11.76
C THR A 68 10.28 27.76 12.02
N ILE A 69 10.95 26.97 11.18
CA ILE A 69 12.43 26.74 11.30
C ILE A 69 13.14 28.08 11.02
N LEU A 70 12.59 28.87 10.10
CA LEU A 70 13.09 30.22 9.78
C LEU A 70 12.84 31.21 10.91
N TYR A 71 11.97 30.92 11.87
CA TYR A 71 11.71 31.87 12.98
C TYR A 71 12.02 31.19 14.33
N GLY A 72 12.96 30.24 14.33
CA GLY A 72 13.53 29.65 15.55
C GLY A 72 12.46 28.98 16.40
N TYR A 73 11.38 28.60 15.73
CA TYR A 73 10.22 27.80 16.21
C TYR A 73 9.20 28.73 16.86
N ARG A 74 9.45 30.03 16.90
CA ARG A 74 8.41 31.01 17.30
C ARG A 74 7.51 31.16 16.08
N TRP A 75 6.23 30.88 16.29
CA TRP A 75 5.18 30.71 15.26
C TRP A 75 4.87 32.03 14.54
N PRO A 76 5.29 32.24 13.27
CA PRO A 76 5.24 33.55 12.64
C PRO A 76 3.89 34.02 12.05
N LEU A 77 2.92 33.11 11.97
CA LEU A 77 1.59 33.44 11.39
C LEU A 77 0.64 33.76 12.53
N PRO A 78 -0.52 34.34 12.19
CA PRO A 78 -1.67 34.37 13.10
C PRO A 78 -1.97 33.11 13.94
N SER A 79 -2.31 33.31 15.22
CA SER A 79 -2.25 32.25 16.27
C SER A 79 -3.32 31.20 16.01
N LYS A 80 -4.40 31.63 15.37
CA LYS A 80 -5.54 30.75 15.04
C LYS A 80 -5.20 29.90 13.81
N LEU A 81 -4.04 30.07 13.18
CA LEU A 81 -3.71 29.17 12.06
C LEU A 81 -2.91 27.98 12.57
N CYS A 82 -2.46 28.01 13.81
CA CYS A 82 -1.61 26.94 14.36
C CYS A 82 -2.36 25.63 14.39
N ALA A 83 -3.58 25.64 14.93
CA ALA A 83 -4.36 24.40 15.08
C ALA A 83 -4.78 23.93 13.69
N VAL A 84 -5.00 24.88 12.80
CA VAL A 84 -5.36 24.57 11.40
C VAL A 84 -4.19 23.78 10.81
N TRP A 85 -2.98 24.22 11.06
CA TRP A 85 -1.77 23.64 10.44
C TRP A 85 -1.50 22.27 11.05
N ILE A 86 -1.68 22.17 12.38
CA ILE A 86 -1.57 20.89 13.15
C ILE A 86 -2.64 19.93 12.64
N TYR A 87 -3.85 20.44 12.35
CA TYR A 87 -4.95 19.58 11.84
C TYR A 87 -4.57 19.01 10.48
N LEU A 88 -4.09 19.81 9.55
CA LEU A 88 -3.83 19.28 8.18
C LEU A 88 -2.69 18.27 8.29
N ASP A 89 -1.69 18.58 9.12
CA ASP A 89 -0.50 17.72 9.18
C ASP A 89 -0.91 16.33 9.68
N VAL A 90 -1.76 16.29 10.69
CA VAL A 90 -2.20 14.99 11.27
C VAL A 90 -3.24 14.40 10.31
N LEU A 91 -4.05 15.26 9.66
CA LEU A 91 -5.05 14.75 8.69
C LEU A 91 -4.35 13.88 7.66
N PHE A 92 -3.33 14.45 7.00
CA PHE A 92 -2.72 13.83 5.80
C PHE A 92 -2.00 12.57 6.26
N SER A 93 -1.36 12.60 7.42
CA SER A 93 -0.58 11.43 7.89
C SER A 93 -1.53 10.36 8.39
N THR A 94 -2.72 10.74 8.86
CA THR A 94 -3.73 9.75 9.25
C THR A 94 -4.36 9.18 7.99
N ALA A 95 -4.57 10.00 6.97
CA ALA A 95 -5.12 9.53 5.68
C ALA A 95 -4.07 8.60 5.01
N LYS A 96 -2.79 8.83 5.20
CA LYS A 96 -1.80 7.91 4.59
C LYS A 96 -1.86 6.56 5.29
N ILE A 97 -1.85 6.53 6.63
CA ILE A 97 -1.79 5.22 7.38
C ILE A 97 -3.08 4.42 7.12
N TRP A 98 -4.25 5.04 7.20
CA TRP A 98 -5.52 4.32 6.95
C TRP A 98 -5.65 3.92 5.49
N HIS A 99 -4.94 4.59 4.58
CA HIS A 99 -4.88 4.12 3.18
C HIS A 99 -4.08 2.83 3.14
N LEU A 100 -2.92 2.84 3.77
CA LEU A 100 -2.03 1.68 3.63
C LEU A 100 -2.73 0.49 4.24
N CYS A 101 -3.51 0.73 5.28
CA CYS A 101 -4.34 -0.31 5.90
C CYS A 101 -5.42 -0.78 4.89
N ALA A 102 -5.99 0.18 4.15
CA ALA A 102 -7.11 -0.10 3.23
C ALA A 102 -6.58 -0.89 2.03
N ILE A 103 -5.35 -0.69 1.60
CA ILE A 103 -4.76 -1.46 0.48
C ILE A 103 -4.55 -2.90 0.92
N SER A 104 -3.87 -3.07 2.06
CA SER A 104 -3.41 -4.38 2.61
C SER A 104 -4.65 -5.22 2.93
N LEU A 105 -5.70 -4.57 3.40
CA LEU A 105 -6.96 -5.26 3.73
C LEU A 105 -7.63 -5.62 2.42
N ASP A 106 -7.88 -4.63 1.56
CA ASP A 106 -8.69 -4.84 0.32
C ASP A 106 -8.14 -6.03 -0.47
N ARG A 107 -6.83 -6.05 -0.65
CA ARG A 107 -6.18 -7.11 -1.44
C ARG A 107 -6.36 -8.48 -0.79
N TYR A 108 -6.22 -8.58 0.53
CA TYR A 108 -6.47 -9.87 1.20
C TYR A 108 -7.87 -10.32 0.84
N VAL A 109 -8.82 -9.42 0.96
CA VAL A 109 -10.22 -9.80 0.67
C VAL A 109 -10.34 -10.14 -0.83
N ALA A 110 -9.62 -9.41 -1.69
CA ALA A 110 -9.59 -9.65 -3.14
C ALA A 110 -8.94 -11.00 -3.38
N ILE A 111 -7.97 -11.42 -2.57
CA ILE A 111 -7.33 -12.77 -2.67
C ILE A 111 -8.30 -13.87 -2.16
N GLN A 112 -9.38 -13.54 -1.45
CA GLN A 112 -10.51 -14.46 -1.17
C GLN A 112 -11.77 -14.06 -2.02
N ASN A 113 -11.61 -13.67 -3.29
CA ASN A 113 -12.69 -13.25 -4.23
C ASN A 113 -12.53 -14.07 -5.54
N PRO A 114 -13.46 -14.02 -6.53
CA PRO A 114 -13.23 -14.70 -7.81
C PRO A 114 -12.12 -14.04 -8.60
N SER A 122 -14.29 -2.10 -10.39
CA SER A 122 -15.07 -0.84 -10.41
C SER A 122 -14.19 0.31 -9.94
N ARG A 123 -14.26 1.41 -10.67
CA ARG A 123 -13.81 2.73 -10.15
C ARG A 123 -14.66 3.07 -8.92
N THR A 124 -15.99 3.04 -9.07
CA THR A 124 -16.95 3.46 -8.02
C THR A 124 -16.69 2.63 -6.75
N LYS A 125 -16.51 1.31 -6.81
CA LYS A 125 -16.31 0.52 -5.57
C LYS A 125 -15.01 0.99 -4.92
N ALA A 126 -14.00 1.34 -5.72
CA ALA A 126 -12.71 1.85 -5.19
C ALA A 126 -12.91 3.25 -4.61
N PHE A 127 -13.66 4.14 -5.30
CA PHE A 127 -13.80 5.58 -4.93
C PHE A 127 -14.77 5.74 -3.75
N LEU A 128 -15.57 4.74 -3.42
CA LEU A 128 -16.32 4.71 -2.13
C LEU A 128 -15.27 4.64 -1.03
N LYS A 129 -14.37 3.67 -1.18
CA LYS A 129 -13.50 3.17 -0.10
C LYS A 129 -12.49 4.27 0.21
N ILE A 130 -12.12 5.03 -0.79
CA ILE A 130 -11.17 6.11 -0.51
C ILE A 130 -11.88 7.17 0.31
N ILE A 131 -13.04 7.60 -0.16
CA ILE A 131 -13.85 8.64 0.54
C ILE A 131 -14.08 8.13 1.97
N ALA A 132 -14.33 6.84 2.14
CA ALA A 132 -14.59 6.32 3.51
C ALA A 132 -13.36 6.57 4.37
N VAL A 133 -12.19 6.23 3.86
CA VAL A 133 -10.93 6.35 4.66
C VAL A 133 -10.72 7.83 4.98
N TRP A 134 -10.90 8.71 4.00
CA TRP A 134 -10.72 10.17 4.21
C TRP A 134 -11.73 10.62 5.25
N THR A 135 -12.95 10.13 5.17
CA THR A 135 -14.02 10.52 6.11
C THR A 135 -13.60 10.07 7.51
N ILE A 136 -13.09 8.86 7.65
CA ILE A 136 -12.62 8.36 8.97
C ILE A 136 -11.49 9.27 9.41
N SER A 137 -10.55 9.57 8.52
CA SER A 137 -9.35 10.36 8.87
C SER A 137 -9.73 11.78 9.33
N VAL A 138 -10.65 12.42 8.62
CA VAL A 138 -11.12 13.79 8.98
C VAL A 138 -11.81 13.69 10.34
N GLY A 139 -12.63 12.65 10.53
CA GLY A 139 -13.36 12.41 11.78
C GLY A 139 -12.41 12.20 12.96
N ILE A 140 -11.35 11.42 12.77
CA ILE A 140 -10.41 11.15 13.87
C ILE A 140 -9.66 12.45 14.14
N SER A 141 -9.26 13.18 13.11
CA SER A 141 -8.35 14.32 13.35
C SER A 141 -9.10 15.54 13.86
N MET A 142 -10.42 15.43 14.00
CA MET A 142 -11.33 16.57 14.27
C MET A 142 -11.14 17.23 15.65
N PRO A 143 -10.84 16.53 16.78
CA PRO A 143 -10.57 17.22 18.05
C PRO A 143 -9.55 18.34 18.04
N ILE A 144 -8.59 18.25 17.13
CA ILE A 144 -7.49 19.24 17.10
C ILE A 144 -8.06 20.63 16.88
N PRO A 145 -8.76 20.98 15.79
CA PRO A 145 -9.36 22.29 15.69
C PRO A 145 -10.49 22.48 16.70
N VAL A 146 -11.29 21.47 16.96
CA VAL A 146 -12.48 21.65 17.83
C VAL A 146 -12.02 22.09 19.22
N PHE A 147 -10.95 21.49 19.76
CA PHE A 147 -10.52 21.80 21.14
C PHE A 147 -9.34 22.77 21.12
N GLY A 148 -8.43 22.64 20.17
CA GLY A 148 -7.24 23.51 20.08
C GLY A 148 -7.61 24.96 19.80
N LEU A 149 -8.56 25.19 18.89
CA LEU A 149 -8.89 26.57 18.51
C LEU A 149 -9.57 27.21 19.70
N GLN A 150 -10.17 26.39 20.57
CA GLN A 150 -10.76 26.91 21.82
C GLN A 150 -9.67 27.17 22.87
N ASP A 151 -8.64 26.33 22.97
CA ASP A 151 -7.57 26.51 23.97
C ASP A 151 -6.22 26.44 23.29
N ASP A 152 -5.48 27.53 23.28
CA ASP A 152 -4.13 27.58 22.65
C ASP A 152 -3.15 26.75 23.47
N SER A 153 -3.51 26.36 24.69
CA SER A 153 -2.64 25.54 25.57
C SER A 153 -2.36 24.20 24.89
N LYS A 154 -3.33 23.69 24.15
CA LYS A 154 -3.20 22.40 23.43
C LYS A 154 -2.29 22.52 22.21
N VAL A 155 -2.15 23.69 21.60
CA VAL A 155 -1.45 23.78 20.27
C VAL A 155 -0.22 24.68 20.34
N PHE A 156 -0.01 25.43 21.43
CA PHE A 156 1.22 26.23 21.65
C PHE A 156 1.97 25.72 22.88
N LYS A 157 3.28 25.60 22.75
CA LYS A 157 4.17 25.46 23.91
C LYS A 157 5.24 26.55 23.81
N GLU A 158 5.03 27.66 24.49
CA GLU A 158 5.98 28.79 24.64
C GLU A 158 6.15 29.49 23.29
N GLY A 159 5.05 29.70 22.58
CA GLY A 159 5.09 30.35 21.25
C GLY A 159 5.44 29.36 20.17
N SER A 160 5.77 28.12 20.53
CA SER A 160 6.06 27.07 19.53
C SER A 160 4.76 26.35 19.20
N CYS A 161 4.35 26.37 17.94
CA CYS A 161 3.07 25.73 17.56
C CYS A 161 3.30 24.24 17.38
N LEU A 162 2.91 23.43 18.36
CA LEU A 162 3.04 21.95 18.30
C LEU A 162 1.92 21.37 19.13
N LEU A 163 1.58 20.09 18.99
CA LEU A 163 0.42 19.58 19.75
C LEU A 163 0.87 19.28 21.17
N ALA A 164 0.68 20.22 22.09
CA ALA A 164 1.02 20.00 23.50
C ALA A 164 0.10 18.96 24.16
N ASP A 165 -1.19 18.97 23.86
CA ASP A 165 -2.14 18.10 24.61
C ASP A 165 -1.64 16.66 24.60
N ASP A 166 -1.26 16.17 25.78
CA ASP A 166 -0.67 14.82 25.99
C ASP A 166 -1.71 13.73 25.77
N ASN A 167 -2.97 14.03 25.98
CA ASN A 167 -4.02 13.02 25.69
C ASN A 167 -4.23 12.95 24.19
N PHE A 168 -4.18 14.08 23.49
CA PHE A 168 -4.36 14.06 22.02
C PHE A 168 -3.21 13.25 21.46
N VAL A 169 -2.01 13.46 21.97
CA VAL A 169 -0.80 12.77 21.46
C VAL A 169 -0.85 11.28 21.79
N LEU A 170 -1.29 10.88 22.98
CA LEU A 170 -1.40 9.43 23.32
C LEU A 170 -2.55 8.78 22.53
N ILE A 171 -3.77 9.21 22.80
CA ILE A 171 -5.00 8.50 22.35
C ILE A 171 -5.08 8.63 20.84
N GLY A 172 -4.57 9.72 20.28
CA GLY A 172 -4.44 9.85 18.82
C GLY A 172 -3.45 8.85 18.25
N SER A 173 -2.33 8.61 18.94
CA SER A 173 -1.31 7.64 18.49
C SER A 173 -1.89 6.22 18.47
N PHE A 174 -2.75 5.84 19.41
CA PHE A 174 -3.14 4.41 19.49
C PHE A 174 -4.47 4.22 18.76
N VAL A 175 -5.24 5.29 18.56
CA VAL A 175 -6.51 5.15 17.83
C VAL A 175 -6.13 5.32 16.38
N SER A 176 -5.55 6.46 16.01
CA SER A 176 -5.40 6.80 14.57
C SER A 176 -4.24 6.02 13.97
N PHE A 177 -3.33 5.42 14.78
CA PHE A 177 -2.10 4.83 14.18
C PHE A 177 -1.94 3.35 14.51
N PHE A 178 -2.06 2.96 15.75
CA PHE A 178 -1.76 1.57 16.13
C PHE A 178 -2.91 0.66 15.71
N ILE A 179 -4.15 1.15 15.69
CA ILE A 179 -5.32 0.33 15.23
C ILE A 179 -5.23 -0.03 13.75
N PRO A 180 -4.92 0.87 12.80
CA PRO A 180 -4.58 0.37 11.48
C PRO A 180 -3.16 -0.14 11.25
N LEU A 181 -2.22 0.04 12.16
CA LEU A 181 -0.88 -0.57 11.92
C LEU A 181 -1.00 -2.08 12.16
N THR A 182 -1.71 -2.41 13.24
CA THR A 182 -1.99 -3.80 13.63
C THR A 182 -2.68 -4.44 12.44
N ILE A 183 -3.71 -3.80 11.92
CA ILE A 183 -4.57 -4.44 10.89
C ILE A 183 -3.79 -4.51 9.56
N MET A 184 -2.86 -3.60 9.34
CA MET A 184 -2.05 -3.63 8.11
C MET A 184 -1.06 -4.79 8.21
N VAL A 185 -0.33 -4.93 9.31
CA VAL A 185 0.71 -6.00 9.39
C VAL A 185 0.03 -7.40 9.43
N ILE A 186 -1.20 -7.54 9.95
CA ILE A 186 -1.84 -8.89 10.03
C ILE A 186 -2.32 -9.27 8.64
N THR A 187 -3.06 -8.36 7.98
CA THR A 187 -3.62 -8.61 6.63
C THR A 187 -2.51 -8.71 5.59
N TYR A 188 -1.36 -8.08 5.81
CA TYR A 188 -0.21 -8.28 4.92
C TYR A 188 0.31 -9.69 5.09
N PHE A 189 0.51 -10.13 6.33
CA PHE A 189 1.20 -11.41 6.66
C PHE A 189 0.33 -12.55 6.17
N LEU A 190 -0.98 -12.48 6.37
CA LEU A 190 -1.89 -13.55 5.89
C LEU A 190 -1.96 -13.55 4.35
N THR A 191 -1.82 -12.38 3.72
CA THR A 191 -1.87 -12.22 2.24
C THR A 191 -0.66 -12.92 1.66
N ILE A 192 0.47 -12.77 2.31
CA ILE A 192 1.68 -13.49 1.86
C ILE A 192 1.50 -14.99 2.14
N LYS A 193 0.87 -15.37 3.24
CA LYS A 193 0.60 -16.81 3.52
C LYS A 193 -0.50 -17.33 2.57
N SER A 194 -1.51 -16.52 2.21
CA SER A 194 -2.49 -16.88 1.16
C SER A 194 -1.76 -17.18 -0.15
N LEU A 195 -0.88 -16.29 -0.62
CA LEU A 195 -0.23 -16.45 -1.95
C LEU A 195 0.91 -17.45 -1.84
N GLN A 196 1.33 -17.88 -0.66
CA GLN A 196 2.35 -18.95 -0.63
C GLN A 196 1.62 -20.27 -0.82
N LYS A 197 0.51 -20.45 -0.12
CA LYS A 197 -0.27 -21.71 -0.15
C LYS A 197 -0.75 -21.95 -1.60
N GLU A 198 -1.10 -20.88 -2.31
CA GLU A 198 -1.75 -20.99 -3.64
C GLU A 198 -0.71 -21.30 -4.70
N ALA A 199 0.51 -20.80 -4.58
CA ALA A 199 1.61 -21.31 -5.43
C ALA A 199 1.80 -22.80 -5.11
N ALA A 200 1.74 -23.16 -3.83
CA ALA A 200 2.00 -24.53 -3.34
C ALA A 200 0.92 -25.46 -3.86
N ASP A 201 -0.33 -25.04 -3.81
CA ASP A 201 -1.43 -25.90 -4.32
C ASP A 201 -1.29 -26.06 -5.84
N LEU A 202 -0.66 -25.10 -6.56
CA LEU A 202 -0.65 -25.10 -8.04
C LEU A 202 0.32 -26.15 -8.50
N GLU A 203 1.44 -26.28 -7.79
CA GLU A 203 2.44 -27.31 -8.13
C GLU A 203 2.00 -28.64 -7.55
N ASP A 204 1.02 -28.69 -6.64
CA ASP A 204 0.30 -29.94 -6.24
C ASP A 204 -0.45 -30.44 -7.46
N ASN A 205 -1.10 -29.53 -8.17
CA ASN A 205 -1.97 -29.87 -9.31
C ASN A 205 -1.20 -29.89 -10.64
N TRP A 206 -0.04 -29.25 -10.73
CA TRP A 206 0.94 -29.53 -11.81
C TRP A 206 1.34 -30.99 -11.71
N GLU A 207 1.74 -31.49 -10.53
CA GLU A 207 2.43 -32.80 -10.42
C GLU A 207 1.36 -33.87 -10.63
N THR A 208 0.15 -33.71 -10.09
CA THR A 208 -0.89 -34.75 -10.21
C THR A 208 -1.58 -34.74 -11.57
N LEU A 209 -1.54 -33.68 -12.34
CA LEU A 209 -1.97 -33.82 -13.77
C LEU A 209 -0.84 -34.46 -14.58
N ASN A 210 0.40 -34.00 -14.41
CA ASN A 210 1.60 -34.55 -15.06
C ASN A 210 1.73 -36.01 -14.65
N ASP A 211 1.39 -36.40 -13.42
CA ASP A 211 1.44 -37.82 -12.97
C ASP A 211 0.43 -38.64 -13.78
N ASN A 212 -0.81 -38.20 -13.92
CA ASN A 212 -1.82 -38.96 -14.70
C ASN A 212 -1.60 -38.94 -16.22
N LEU A 213 -0.81 -38.02 -16.75
CA LEU A 213 -0.49 -38.09 -18.18
C LEU A 213 0.58 -39.16 -18.38
N LYS A 214 1.38 -39.43 -17.37
CA LYS A 214 2.25 -40.63 -17.45
C LYS A 214 1.34 -41.88 -17.42
N VAL A 215 0.31 -41.90 -16.57
CA VAL A 215 -0.50 -43.12 -16.26
C VAL A 215 -1.34 -43.46 -17.47
N ILE A 216 -1.87 -42.45 -18.15
CA ILE A 216 -2.83 -42.70 -19.26
C ILE A 216 -2.04 -43.30 -20.41
N GLU A 217 -0.87 -42.74 -20.73
CA GLU A 217 -0.13 -43.16 -21.95
C GLU A 217 0.62 -44.47 -21.72
N LYS A 218 0.66 -44.98 -20.48
CA LYS A 218 1.17 -46.36 -20.19
C LYS A 218 0.01 -47.36 -20.32
N ALA A 219 -1.23 -46.94 -20.09
CA ALA A 219 -2.32 -47.86 -19.70
C ALA A 219 -2.63 -48.83 -20.86
N ASP A 220 -3.09 -50.05 -20.53
CA ASP A 220 -3.57 -51.07 -21.49
C ASP A 220 -5.07 -51.00 -21.52
N ASN A 221 -5.67 -50.94 -20.34
CA ASN A 221 -7.11 -51.16 -20.18
C ASN A 221 -7.83 -49.82 -20.10
N ALA A 222 -9.16 -49.90 -20.16
CA ALA A 222 -10.08 -48.78 -19.92
C ALA A 222 -10.12 -48.46 -18.41
N ALA A 223 -9.61 -49.33 -17.53
CA ALA A 223 -9.61 -49.10 -16.06
C ALA A 223 -8.62 -47.99 -15.73
N GLN A 224 -7.37 -48.18 -16.14
CA GLN A 224 -6.30 -47.24 -15.74
C GLN A 224 -6.55 -45.89 -16.41
N VAL A 225 -7.04 -45.87 -17.65
CA VAL A 225 -7.35 -44.56 -18.28
C VAL A 225 -8.47 -43.91 -17.47
N LYS A 226 -9.51 -44.65 -17.13
CA LYS A 226 -10.70 -44.02 -16.49
C LYS A 226 -10.30 -43.49 -15.11
N ASP A 227 -9.59 -44.28 -14.32
CA ASP A 227 -9.27 -43.86 -12.94
C ASP A 227 -8.45 -42.58 -13.06
N ALA A 228 -7.49 -42.58 -13.95
CA ALA A 228 -6.59 -41.42 -14.09
C ALA A 228 -7.40 -40.20 -14.52
N LEU A 229 -8.25 -40.35 -15.53
CA LEU A 229 -8.99 -39.18 -16.06
C LEU A 229 -9.89 -38.65 -14.96
N THR A 230 -10.50 -39.54 -14.19
CA THR A 230 -11.42 -39.15 -13.10
C THR A 230 -10.64 -38.34 -12.08
N LYS A 231 -9.44 -38.79 -11.76
CA LYS A 231 -8.57 -38.07 -10.79
C LYS A 231 -8.15 -36.70 -11.37
N MET A 232 -7.89 -36.63 -12.67
CA MET A 232 -7.51 -35.35 -13.32
C MET A 232 -8.67 -34.35 -13.21
N ARG A 233 -9.90 -34.77 -13.50
CA ARG A 233 -11.09 -33.89 -13.47
C ARG A 233 -11.30 -33.40 -12.03
N ALA A 234 -10.97 -34.23 -11.04
CA ALA A 234 -11.08 -33.86 -9.61
C ALA A 234 -10.10 -32.71 -9.37
N ALA A 235 -8.85 -32.90 -9.75
CA ALA A 235 -7.80 -31.88 -9.55
C ALA A 235 -7.79 -30.90 -10.72
N ALA A 236 -8.78 -30.93 -11.61
CA ALA A 236 -9.09 -29.80 -12.54
C ALA A 236 -10.02 -28.84 -11.81
N LEU A 237 -11.08 -29.38 -11.18
CA LEU A 237 -12.05 -28.66 -10.32
C LEU A 237 -11.33 -28.00 -9.15
N ASP A 238 -10.23 -28.59 -8.69
CA ASP A 238 -9.46 -28.08 -7.52
C ASP A 238 -8.73 -26.77 -7.86
N ALA A 239 -8.53 -26.40 -9.14
CA ALA A 239 -7.81 -25.15 -9.53
C ALA A 239 -8.75 -23.96 -9.81
N GLY A 240 -10.04 -24.14 -10.19
CA GLY A 240 -11.01 -23.04 -10.43
C GLY A 240 -11.34 -22.23 -9.17
N ASP A 245 -12.51 -24.20 -15.78
CA ASP A 245 -13.75 -24.19 -16.61
C ASP A 245 -13.46 -24.83 -17.96
N ILE A 246 -12.52 -24.22 -18.67
CA ILE A 246 -12.10 -24.42 -20.10
C ILE A 246 -11.77 -25.91 -20.40
N LEU A 247 -11.09 -26.59 -19.48
CA LEU A 247 -10.36 -27.86 -19.71
C LEU A 247 -11.14 -29.01 -19.07
N VAL A 248 -12.06 -28.69 -18.16
CA VAL A 248 -12.85 -29.71 -17.40
C VAL A 248 -13.79 -30.45 -18.35
N GLY A 249 -14.46 -29.72 -19.24
CA GLY A 249 -15.31 -30.27 -20.31
C GLY A 249 -14.51 -31.09 -21.31
N GLN A 250 -13.25 -30.70 -21.56
CA GLN A 250 -12.35 -31.43 -22.47
C GLN A 250 -11.93 -32.79 -21.87
N ILE A 251 -11.83 -32.84 -20.54
CA ILE A 251 -11.63 -34.13 -19.80
C ILE A 251 -12.96 -34.88 -19.83
N ASP A 252 -14.05 -34.16 -19.63
CA ASP A 252 -15.40 -34.76 -19.76
C ASP A 252 -15.66 -35.18 -21.20
N ASP A 253 -15.06 -34.51 -22.17
CA ASP A 253 -15.00 -35.02 -23.58
C ASP A 253 -14.36 -36.42 -23.46
N ALA A 254 -13.11 -36.48 -23.00
CA ALA A 254 -12.30 -37.71 -23.03
C ALA A 254 -12.77 -38.71 -21.96
N LEU A 255 -13.62 -38.34 -21.01
CA LEU A 255 -14.10 -39.31 -19.95
C LEU A 255 -15.11 -40.31 -20.57
N LYS A 256 -15.98 -39.89 -21.48
CA LYS A 256 -16.97 -40.81 -22.11
C LYS A 256 -16.26 -41.73 -23.11
N LEU A 257 -15.08 -41.35 -23.64
CA LEU A 257 -14.28 -42.22 -24.56
C LEU A 257 -13.75 -43.42 -23.76
N ALA A 258 -13.33 -43.21 -22.51
CA ALA A 258 -12.93 -44.31 -21.60
C ALA A 258 -14.14 -45.19 -21.22
N ASN A 259 -15.32 -44.59 -21.12
CA ASN A 259 -16.51 -45.26 -20.58
C ASN A 259 -17.12 -46.20 -21.61
N GLU A 260 -17.02 -45.90 -22.91
CA GLU A 260 -17.44 -46.87 -23.95
C GLU A 260 -16.35 -47.95 -24.10
N GLY A 261 -15.11 -47.68 -23.69
CA GLY A 261 -13.99 -48.61 -23.88
C GLY A 261 -13.07 -48.19 -25.01
N LYS A 262 -13.22 -46.97 -25.57
CA LYS A 262 -12.43 -46.45 -26.71
C LYS A 262 -11.08 -45.95 -26.21
N VAL A 263 -10.15 -46.88 -25.96
CA VAL A 263 -8.97 -46.66 -25.06
C VAL A 263 -7.91 -45.84 -25.80
N LYS A 264 -7.44 -46.33 -26.96
CA LYS A 264 -6.29 -45.74 -27.69
C LYS A 264 -6.69 -44.34 -28.17
N GLU A 265 -8.02 -44.19 -28.30
CA GLU A 265 -8.79 -43.01 -28.77
C GLU A 265 -8.84 -41.99 -27.62
N ALA A 266 -9.07 -42.46 -26.38
CA ALA A 266 -9.05 -41.60 -25.17
C ALA A 266 -7.61 -41.21 -24.79
N GLN A 267 -6.60 -42.02 -25.13
CA GLN A 267 -5.19 -41.75 -24.71
C GLN A 267 -4.59 -40.63 -25.54
N ALA A 268 -5.10 -40.46 -26.77
CA ALA A 268 -4.63 -39.43 -27.71
C ALA A 268 -5.39 -38.14 -27.42
N ALA A 269 -6.61 -38.25 -26.88
CA ALA A 269 -7.42 -37.09 -26.44
C ALA A 269 -6.70 -36.41 -25.27
N ALA A 270 -6.10 -37.20 -24.39
CA ALA A 270 -5.44 -36.73 -23.15
C ALA A 270 -4.16 -36.00 -23.53
N GLU A 271 -3.56 -36.35 -24.67
CA GLU A 271 -2.37 -35.63 -25.19
C GLU A 271 -2.83 -34.23 -25.67
N GLN A 272 -4.10 -34.10 -26.09
CA GLN A 272 -4.67 -32.79 -26.49
C GLN A 272 -4.95 -31.97 -25.23
N LEU A 273 -5.21 -32.61 -24.07
CA LEU A 273 -5.36 -31.89 -22.78
C LEU A 273 -4.02 -31.30 -22.36
N LYS A 274 -2.93 -31.96 -22.73
CA LYS A 274 -1.56 -31.57 -22.34
C LYS A 274 -1.22 -30.13 -22.80
N THR A 275 -1.70 -29.62 -23.93
CA THR A 275 -1.33 -28.24 -24.33
C THR A 275 -2.20 -27.26 -23.54
N THR A 276 -3.46 -27.62 -23.29
CA THR A 276 -4.43 -26.79 -22.52
C THR A 276 -3.94 -26.64 -21.08
N ILE A 277 -3.29 -27.65 -20.53
CA ILE A 277 -2.75 -27.63 -19.14
C ILE A 277 -1.65 -26.59 -19.09
N ASN A 278 -0.60 -26.80 -19.87
CA ASN A 278 0.61 -25.95 -19.83
C ASN A 278 0.26 -24.51 -20.24
N ALA A 279 -0.81 -24.34 -21.03
CA ALA A 279 -1.45 -23.03 -21.30
C ALA A 279 -1.97 -22.48 -19.97
N TYR A 280 -2.83 -23.22 -19.27
CA TYR A 280 -3.57 -22.70 -18.08
C TYR A 280 -2.65 -22.68 -16.84
N ILE A 281 -1.49 -23.33 -16.86
CA ILE A 281 -0.55 -23.37 -15.70
C ILE A 281 0.33 -22.12 -15.76
N GLN A 282 1.10 -21.98 -16.83
CA GLN A 282 2.11 -20.91 -16.96
C GLN A 282 1.38 -19.55 -17.07
N LYS A 283 0.09 -19.53 -17.40
CA LYS A 283 -0.67 -18.24 -17.43
C LYS A 283 -1.22 -17.97 -16.03
N TYR A 284 -1.82 -18.96 -15.35
CA TYR A 284 -2.32 -18.74 -13.95
C TYR A 284 -1.13 -18.76 -12.96
N GLY A 285 0.07 -19.14 -13.40
CA GLY A 285 1.26 -19.21 -12.53
C GLY A 285 2.20 -18.05 -12.78
N GLN A 286 1.96 -17.30 -13.86
CA GLN A 286 2.52 -15.92 -14.01
C GLN A 286 1.55 -15.03 -13.26
N SER A 287 0.34 -15.50 -12.98
CA SER A 287 -0.67 -14.68 -12.28
C SER A 287 -0.27 -14.44 -10.83
N ILE A 288 0.04 -15.49 -10.09
CA ILE A 288 0.32 -15.36 -8.64
C ILE A 288 1.77 -14.86 -8.53
N SER A 289 2.59 -15.08 -9.56
CA SER A 289 3.98 -14.56 -9.64
C SER A 289 3.92 -13.04 -9.61
N ASN A 290 2.87 -12.49 -10.23
CA ASN A 290 2.70 -11.02 -10.34
C ASN A 290 2.15 -10.46 -9.03
N GLU A 291 1.13 -11.10 -8.46
CA GLU A 291 0.51 -10.54 -7.24
C GLU A 291 1.60 -10.51 -6.17
N GLN A 292 2.40 -11.57 -6.09
CA GLN A 292 3.48 -11.68 -5.09
C GLN A 292 4.53 -10.59 -5.34
N LYS A 293 4.78 -10.22 -6.60
CA LYS A 293 5.75 -9.13 -6.89
C LYS A 293 5.16 -7.85 -6.28
N ALA A 294 3.90 -7.58 -6.60
CA ALA A 294 3.21 -6.34 -6.20
C ALA A 294 3.02 -6.27 -4.70
N CYS A 295 2.66 -7.38 -4.08
CA CYS A 295 2.38 -7.38 -2.63
C CYS A 295 3.67 -6.96 -1.93
N LYS A 296 4.81 -7.37 -2.47
CA LYS A 296 6.11 -6.98 -1.88
C LYS A 296 6.36 -5.48 -2.07
N VAL A 297 6.05 -4.93 -3.25
CA VAL A 297 6.26 -3.48 -3.50
C VAL A 297 5.37 -2.68 -2.57
N LEU A 298 4.13 -3.12 -2.38
CA LEU A 298 3.28 -2.50 -1.35
C LEU A 298 3.92 -2.64 0.01
N GLY A 299 4.51 -3.80 0.29
CA GLY A 299 5.19 -4.08 1.56
C GLY A 299 6.33 -3.12 1.84
N ILE A 300 7.02 -2.65 0.81
CA ILE A 300 8.12 -1.64 0.97
C ILE A 300 7.47 -0.28 1.33
N VAL A 301 6.45 0.11 0.57
CA VAL A 301 5.63 1.33 0.80
C VAL A 301 5.13 1.30 2.24
N PHE A 302 4.65 0.14 2.68
CA PHE A 302 4.18 -0.12 4.07
C PHE A 302 5.34 0.10 5.05
N PHE A 303 6.46 -0.57 4.79
CA PHE A 303 7.59 -0.75 5.72
C PHE A 303 8.24 0.62 5.92
N LEU A 304 8.52 1.28 4.81
CA LEU A 304 9.21 2.58 4.79
C LEU A 304 8.32 3.66 5.41
N PHE A 305 6.98 3.50 5.35
CA PHE A 305 6.09 4.43 6.07
C PHE A 305 6.46 4.30 7.54
N VAL A 306 6.43 3.05 8.02
CA VAL A 306 6.55 2.76 9.45
C VAL A 306 7.92 3.17 9.91
N VAL A 307 8.97 2.63 9.31
CA VAL A 307 10.36 2.87 9.78
C VAL A 307 10.65 4.36 9.85
N MET A 308 10.44 5.10 8.77
CA MET A 308 10.84 6.52 8.74
C MET A 308 10.01 7.37 9.73
N TRP A 309 8.82 6.92 10.14
CA TRP A 309 8.08 7.70 11.15
C TRP A 309 8.36 7.20 12.58
N CYS A 310 8.94 6.00 12.72
CA CYS A 310 9.18 5.31 14.02
C CYS A 310 10.02 6.18 14.96
N PRO A 311 11.11 6.86 14.53
CA PRO A 311 11.85 7.71 15.44
C PRO A 311 11.02 8.87 15.98
N PHE A 312 10.23 9.53 15.10
CA PHE A 312 9.31 10.63 15.54
C PHE A 312 8.28 10.08 16.51
N PHE A 313 7.81 8.88 16.23
CA PHE A 313 6.61 8.36 16.88
C PHE A 313 6.96 7.84 18.31
N ILE A 314 8.12 7.21 18.50
CA ILE A 314 8.56 6.74 19.84
C ILE A 314 8.91 7.99 20.69
N THR A 315 9.60 8.96 20.12
CA THR A 315 10.14 10.11 20.86
C THR A 315 8.99 11.03 21.28
N ASN A 316 7.93 11.16 20.47
CA ASN A 316 6.75 12.01 20.81
C ASN A 316 6.00 11.33 21.97
N ILE A 317 6.22 10.01 22.18
CA ILE A 317 5.60 9.27 23.32
C ILE A 317 6.55 9.25 24.53
N MET A 318 7.87 9.30 24.32
CA MET A 318 8.78 9.48 25.46
C MET A 318 8.69 10.93 25.98
N ALA A 319 8.19 11.85 25.18
CA ALA A 319 7.96 13.26 25.63
C ALA A 319 6.89 13.24 26.74
N VAL A 320 6.04 12.23 26.71
CA VAL A 320 4.79 12.16 27.49
C VAL A 320 5.00 11.16 28.60
N ILE A 321 5.70 10.04 28.37
CA ILE A 321 6.05 9.03 29.42
C ILE A 321 7.05 9.64 30.39
N CYS A 322 8.27 9.91 29.96
CA CYS A 322 9.27 10.57 30.84
C CYS A 322 9.13 12.10 30.72
N LYS A 323 8.00 12.63 31.16
CA LYS A 323 7.75 14.09 31.11
C LYS A 323 8.76 14.77 32.03
N GLU A 324 8.93 14.22 33.22
CA GLU A 324 9.80 14.81 34.26
C GLU A 324 11.24 14.35 34.06
N SER A 325 11.42 13.06 33.84
CA SER A 325 12.76 12.42 33.81
C SER A 325 13.64 12.97 32.67
N CYS A 326 13.11 13.19 31.47
CA CYS A 326 13.96 13.47 30.28
C CYS A 326 14.06 14.97 29.98
N ASN A 327 15.18 15.40 29.36
CA ASN A 327 15.37 16.82 28.95
C ASN A 327 14.37 17.18 27.85
N GLU A 328 13.39 18.02 28.16
CA GLU A 328 12.28 18.34 27.24
C GLU A 328 12.82 19.23 26.12
N ASP A 329 13.91 19.99 26.36
CA ASP A 329 14.61 20.79 25.32
C ASP A 329 15.17 19.88 24.22
N VAL A 330 15.91 18.83 24.57
CA VAL A 330 16.50 17.94 23.55
C VAL A 330 15.42 17.05 22.94
N ILE A 331 14.44 16.61 23.72
CA ILE A 331 13.26 15.91 23.14
C ILE A 331 12.60 16.82 22.09
N GLY A 332 12.32 18.07 22.45
CA GLY A 332 11.76 19.06 21.53
C GLY A 332 12.70 19.24 20.37
N ALA A 333 14.00 19.17 20.65
CA ALA A 333 15.06 19.39 19.63
C ALA A 333 15.06 18.22 18.66
N LEU A 334 14.68 17.02 19.12
CA LEU A 334 14.79 15.81 18.28
C LEU A 334 13.61 15.72 17.35
N LEU A 335 12.43 16.06 17.84
CA LEU A 335 11.17 15.93 17.08
C LEU A 335 11.23 16.85 15.86
N ASN A 336 11.94 17.96 15.96
CA ASN A 336 11.98 18.91 14.84
C ASN A 336 12.81 18.28 13.73
N VAL A 337 13.65 17.30 14.08
CA VAL A 337 14.40 16.49 13.07
C VAL A 337 13.49 15.35 12.64
N PHE A 338 12.90 14.67 13.60
CA PHE A 338 12.31 13.33 13.35
C PHE A 338 11.02 13.40 12.54
N VAL A 339 10.44 14.61 12.46
CA VAL A 339 9.23 14.92 11.66
C VAL A 339 9.64 15.03 10.18
N TRP A 340 10.86 15.52 9.92
CA TRP A 340 11.41 15.71 8.55
C TRP A 340 11.84 14.37 7.99
N ILE A 341 12.17 13.42 8.86
CA ILE A 341 12.41 12.03 8.41
C ILE A 341 11.08 11.46 7.95
N GLY A 342 10.00 11.72 8.64
CA GLY A 342 8.72 11.19 8.17
C GLY A 342 8.16 12.01 7.03
N TYR A 343 8.53 13.26 6.93
CA TYR A 343 8.07 14.08 5.78
C TYR A 343 8.73 13.56 4.50
N LEU A 344 10.00 13.21 4.56
CA LEU A 344 10.75 12.72 3.38
C LEU A 344 9.98 11.55 2.81
N ASN A 345 9.35 10.78 3.67
CA ASN A 345 8.55 9.61 3.27
C ASN A 345 7.58 9.96 2.15
N SER A 346 7.17 11.23 2.09
CA SER A 346 6.18 11.69 1.10
C SER A 346 6.84 11.69 -0.29
N ALA A 347 8.14 11.92 -0.34
CA ALA A 347 8.95 11.85 -1.56
C ALA A 347 9.26 10.41 -1.97
N VAL A 348 9.22 9.42 -1.07
CA VAL A 348 9.82 8.08 -1.38
C VAL A 348 8.81 7.20 -2.11
N ASN A 349 7.50 7.32 -1.85
CA ASN A 349 6.49 6.46 -2.52
C ASN A 349 6.71 6.56 -4.04
N PRO A 350 6.84 7.76 -4.65
CA PRO A 350 7.10 7.84 -6.09
C PRO A 350 8.43 7.21 -6.57
N LEU A 351 9.44 7.14 -5.75
CA LEU A 351 10.73 6.60 -6.22
C LEU A 351 10.61 5.07 -6.26
N VAL A 352 9.88 4.49 -5.31
CA VAL A 352 9.61 3.04 -5.27
C VAL A 352 8.93 2.65 -6.56
N TYR A 353 7.92 3.41 -6.93
CA TYR A 353 7.15 3.07 -8.15
C TYR A 353 8.08 3.24 -9.36
N THR A 354 9.00 4.19 -9.39
CA THR A 354 9.99 4.31 -10.50
C THR A 354 10.81 3.03 -10.53
N LEU A 355 11.36 2.62 -9.40
CA LEU A 355 12.34 1.50 -9.38
C LEU A 355 11.64 0.18 -9.67
N PHE A 356 10.49 -0.04 -9.03
CA PHE A 356 9.90 -1.39 -8.87
C PHE A 356 8.70 -1.61 -9.80
N ASN A 357 8.22 -0.62 -10.59
CA ASN A 357 7.15 -0.79 -11.63
C ASN A 357 7.59 -0.16 -12.97
N LYS A 358 7.67 -0.97 -14.04
CA LYS A 358 7.93 -0.51 -15.44
C LYS A 358 6.87 0.49 -15.88
N THR A 359 5.64 0.36 -15.38
CA THR A 359 4.49 1.08 -15.95
C THR A 359 4.53 2.53 -15.51
N TYR A 360 4.76 2.75 -14.22
CA TYR A 360 4.91 4.12 -13.69
C TYR A 360 6.18 4.69 -14.29
N ARG A 361 7.21 3.86 -14.39
CA ARG A 361 8.52 4.37 -14.84
C ARG A 361 8.41 4.93 -16.27
N SER A 362 7.75 4.21 -17.18
CA SER A 362 7.66 4.64 -18.60
C SER A 362 6.80 5.88 -18.64
N ALA A 363 5.85 5.94 -17.74
CA ALA A 363 4.90 7.06 -17.70
C ALA A 363 5.64 8.33 -17.25
N PHE A 364 6.41 8.26 -16.17
CA PHE A 364 7.20 9.41 -15.67
C PHE A 364 8.16 9.84 -16.77
N SER A 365 8.77 8.86 -17.45
CA SER A 365 9.78 9.04 -18.52
C SER A 365 9.18 9.87 -19.67
N ARG A 366 7.90 9.67 -19.97
CA ARG A 366 7.23 10.40 -21.09
C ARG A 366 6.80 11.81 -20.64
N TYR A 367 6.46 11.97 -19.37
CA TYR A 367 5.80 13.20 -18.86
C TYR A 367 6.84 14.30 -18.76
N ILE A 368 8.07 13.91 -18.45
CA ILE A 368 9.26 14.78 -18.38
C ILE A 368 9.58 15.25 -19.81
N GLN A 369 9.42 14.37 -20.81
CA GLN A 369 9.65 14.75 -22.24
C GLN A 369 8.44 15.45 -22.85
N CYS A 370 7.38 15.63 -22.06
CA CYS A 370 6.07 16.28 -22.39
C CYS A 370 5.45 15.54 -23.58
N GLN A 371 5.00 14.31 -23.31
CA GLN A 371 4.45 13.38 -24.31
C GLN A 371 3.40 12.50 -23.65
N TYR A 372 2.11 12.76 -23.93
CA TYR A 372 0.98 12.38 -23.03
C TYR A 372 0.08 11.26 -23.60
N LYS A 373 0.24 10.80 -24.88
CA LYS A 373 -0.54 9.70 -25.54
C LYS A 373 0.24 8.38 -25.44
N GLU A 374 -0.38 7.30 -24.93
CA GLU A 374 0.30 6.12 -24.29
C GLU A 374 1.00 5.27 -25.37
MG MG B . 4.25 -37.33 -8.56
C1 CLR C . 17.27 12.23 24.61
C2 CLR C . 17.78 12.99 25.84
C3 CLR C . 16.84 12.90 27.03
C4 CLR C . 16.54 11.44 27.31
C5 CLR C . 16.01 10.72 26.09
C6 CLR C . 14.83 10.13 26.10
C7 CLR C . 14.32 9.22 25.03
C8 CLR C . 15.35 8.91 23.95
C9 CLR C . 16.17 10.17 23.62
C10 CLR C . 16.92 10.75 24.85
C11 CLR C . 17.08 9.93 22.41
C12 CLR C . 16.35 9.35 21.18
C13 CLR C . 15.62 8.05 21.52
C14 CLR C . 14.67 8.41 22.68
C15 CLR C . 13.75 7.21 22.78
C16 CLR C . 13.60 6.71 21.33
C17 CLR C . 14.61 7.52 20.46
C18 CLR C . 16.64 6.94 21.88
C19 CLR C . 18.17 9.92 25.18
C20 CLR C . 15.08 6.71 19.24
C21 CLR C . 15.50 7.59 18.07
C22 CLR C . 14.02 5.68 18.79
O1 CLR C . 17.41 13.53 28.20
C8 OLC D . -12.28 9.32 18.10
C24 OLC D . -0.79 11.45 16.61
C7 OLC D . -11.15 9.76 18.95
C6 OLC D . -9.97 10.33 18.19
C5 OLC D . -8.90 11.01 19.04
C4 OLC D . -7.98 11.91 18.23
C3 OLC D . -6.93 12.63 19.04
C2 OLC D . -6.19 13.63 18.22
C21 OLC D . -3.10 12.44 16.65
C1 OLC D . -5.31 13.01 17.18
C22 OLC D . -1.78 12.29 17.36
O19 OLC D . -5.68 12.46 16.16
O25 OLC D . 0.45 11.40 17.31
O23 OLC D . -1.24 13.59 17.62
O20 OLC D . -4.03 13.12 17.52
C1 CLR E . -7.52 13.26 -9.73
C2 CLR E . -7.79 12.33 -10.91
C3 CLR E . -9.05 11.54 -10.72
C4 CLR E . -10.20 12.52 -10.59
C5 CLR E . -9.95 13.50 -9.46
C6 CLR E . -10.85 13.62 -8.51
C7 CLR E . -10.80 14.63 -7.41
C8 CLR E . -9.65 15.62 -7.53
C9 CLR E . -8.39 14.95 -8.10
C10 CLR E . -8.64 14.29 -9.47
C11 CLR E . -7.20 15.91 -8.05
C12 CLR E . -6.97 16.56 -6.67
C13 CLR E . -8.22 17.22 -6.09
C14 CLR E . -9.33 16.15 -6.15
C15 CLR E . -10.46 16.72 -5.32
C16 CLR E . -9.73 17.37 -4.14
C17 CLR E . -8.25 17.49 -4.56
C18 CLR E . -8.60 18.47 -6.91
C19 CLR E . -8.71 15.34 -10.61
C20 CLR E . -7.66 18.78 -3.96
C21 CLR E . -6.13 18.82 -4.09
C22 CLR E . -8.09 18.89 -2.50
C23 CLR E . -7.77 20.19 -1.82
C24 CLR E . -8.04 20.18 -0.38
C25 CLR E . -7.94 21.56 0.31
C26 CLR E . -6.74 22.39 -0.24
C27 CLR E . -7.85 21.41 1.84
O1 CLR E . -9.23 10.65 -11.84
C24 OLC F . 16.21 25.72 13.92
C7 OLC F . 16.28 17.53 7.02
C6 OLC F . 15.85 18.79 7.76
C5 OLC F . 16.35 18.90 9.20
C4 OLC F . 15.74 20.04 9.98
C3 OLC F . 16.38 20.33 11.32
C2 OLC F . 15.75 21.51 12.01
C21 OLC F . 16.97 23.49 14.85
C1 OLC F . 16.30 21.78 13.38
C22 OLC F . 17.18 24.98 14.83
O19 OLC F . 16.31 20.99 14.29
O25 OLC F . 15.86 27.01 14.43
O23 OLC F . 17.09 25.46 16.17
O20 OLC F . 16.75 23.02 13.49
N1 91Q G . 2.30 15.42 13.85
C4 91Q G . 3.08 17.55 14.90
C5 91Q G . 4.06 18.67 14.76
C6 91Q G . 4.11 19.59 13.77
C7 91Q G . 5.84 20.06 15.11
C8 91Q G . 5.17 18.94 15.64
C10 91Q G . 6.80 18.88 17.44
C1 91Q G . 2.58 14.40 12.82
C2 91Q G . 1.99 14.80 15.16
C3 91Q G . 3.42 16.35 14.02
N2 91Q G . 5.17 20.43 13.97
C9 91Q G . 5.68 18.34 16.84
C11 91Q G . 7.42 20.00 16.87
C12 91Q G . 6.97 20.59 15.72
O1 91Q G . 5.08 17.25 17.41
C18 OLC H . -9.25 15.02 -0.61
C10 OLC H . -11.60 20.96 7.30
C9 OLC H . -11.43 21.18 8.59
C17 OLC H . -8.79 16.15 0.38
C11 OLC H . -10.56 20.72 6.26
C8 OLC H . -10.60 22.26 9.23
C24 OLC H . -6.60 33.94 11.98
C16 OLC H . -9.69 16.44 1.56
C12 OLC H . -10.77 19.37 5.60
C7 OLC H . -11.39 23.12 10.20
C15 OLC H . -9.24 17.57 2.46
C13 OLC H . -9.83 19.11 4.41
C6 OLC H . -10.83 24.53 10.38
C14 OLC H . -10.15 17.85 3.62
C5 OLC H . -11.85 25.64 10.56
C4 OLC H . -11.40 26.98 10.01
C3 OLC H . -10.44 27.74 10.89
C2 OLC H . -9.95 29.03 10.30
C21 OLC H . -7.65 31.67 11.48
C1 OLC H . -9.12 29.84 11.26
C22 OLC H . -7.52 33.13 11.07
O19 OLC H . -8.84 29.49 12.40
O25 OLC H . -6.50 35.30 11.61
O23 OLC H . -7.02 33.20 9.73
O20 OLC H . -8.70 31.00 10.75
#